data_1EP6
#
_entry.id   1EP6
#
_cell.length_a   72.000
_cell.length_b   75.970
_cell.length_c   90.100
_cell.angle_alpha   90.00
_cell.angle_beta   90.00
_cell.angle_gamma   90.00
#
_symmetry.space_group_name_H-M   'P 21 21 21'
#
loop_
_entity.id
_entity.type
_entity.pdbx_description
1 polymer 'CAPSID PROTEIN C'
2 water water
#
_entity_poly.entity_id   1
_entity_poly.type   'polypeptide(L)'
_entity_poly.pdbx_seq_one_letter_code
;VMKLESDKTFPIMLEGKINGYACVVGGKLFRPMHVEGKIDNDVLAALKTKKASKYDLEYADVPQNMRADTFKYTHEKPQG
YYSWHHGAVQYENGRFTVPKGVGAKGDSGRPILDNQGRVVAIVLGGVNEGSRTALSVVMWNEKGVTVKYTPENCEQW
;
_entity_poly.pdbx_strand_id   A,B,C
#
# COMPACT_ATOMS: atom_id res chain seq x y z
N VAL A 1 -3.63 10.90 -0.06
CA VAL A 1 -4.54 11.54 -1.03
C VAL A 1 -4.66 10.66 -2.26
N MET A 2 -4.07 9.45 -2.16
CA MET A 2 -4.06 8.47 -3.21
C MET A 2 -5.46 8.12 -3.79
N LYS A 3 -5.65 8.45 -5.06
CA LYS A 3 -6.91 8.17 -5.76
C LYS A 3 -6.76 6.98 -6.71
N LEU A 4 -7.41 5.87 -6.37
CA LEU A 4 -7.32 4.65 -7.17
C LEU A 4 -8.51 4.40 -8.07
N GLU A 5 -9.60 5.13 -7.82
CA GLU A 5 -10.79 4.96 -8.65
C GLU A 5 -11.04 6.22 -9.48
N SER A 6 -11.29 6.05 -10.77
CA SER A 6 -11.56 7.18 -11.64
C SER A 6 -12.99 7.69 -11.56
N ASP A 7 -13.17 8.98 -11.83
CA ASP A 7 -14.50 9.55 -11.80
C ASP A 7 -15.29 8.98 -12.97
N LYS A 8 -16.60 8.83 -12.77
CA LYS A 8 -17.45 8.27 -13.79
C LYS A 8 -18.62 9.18 -14.10
N THR A 9 -18.77 10.25 -13.33
CA THR A 9 -19.83 11.22 -13.55
C THR A 9 -19.09 12.55 -13.53
N PHE A 10 -19.44 13.45 -14.45
CA PHE A 10 -18.77 14.75 -14.54
C PHE A 10 -19.78 15.87 -14.66
N PRO A 11 -19.61 16.93 -13.84
CA PRO A 11 -20.56 18.04 -13.91
C PRO A 11 -20.52 18.83 -15.21
N ILE A 12 -21.68 19.36 -15.62
CA ILE A 12 -21.79 20.17 -16.84
C ILE A 12 -22.00 21.60 -16.39
N MET A 13 -21.04 22.46 -16.70
CA MET A 13 -21.08 23.86 -16.28
C MET A 13 -21.84 24.80 -17.21
N LEU A 14 -22.47 25.80 -16.60
CA LEU A 14 -23.23 26.79 -17.35
C LEU A 14 -23.28 28.09 -16.55
N GLU A 15 -22.55 29.09 -17.02
CA GLU A 15 -22.49 30.40 -16.38
C GLU A 15 -21.91 30.27 -14.97
N GLY A 16 -20.95 29.36 -14.81
CA GLY A 16 -20.30 29.17 -13.53
C GLY A 16 -20.92 28.16 -12.59
N LYS A 17 -22.16 27.75 -12.85
CA LYS A 17 -22.84 26.79 -11.99
C LYS A 17 -22.94 25.39 -12.61
N ILE A 18 -23.21 24.40 -11.77
CA ILE A 18 -23.39 23.02 -12.23
C ILE A 18 -24.84 22.94 -12.70
N ASN A 19 -25.05 22.67 -13.97
CA ASN A 19 -26.40 22.61 -14.53
C ASN A 19 -26.87 21.16 -14.72
N GLY A 20 -25.94 20.22 -14.71
CA GLY A 20 -26.30 18.81 -14.88
C GLY A 20 -25.05 17.96 -14.86
N TYR A 21 -25.19 16.68 -15.15
CA TYR A 21 -24.05 15.78 -15.16
C TYR A 21 -24.03 14.83 -16.35
N ALA A 22 -22.83 14.41 -16.71
CA ALA A 22 -22.64 13.46 -17.78
C ALA A 22 -22.00 12.29 -17.03
N CYS A 23 -22.13 11.10 -17.56
CA CYS A 23 -21.50 9.97 -16.90
C CYS A 23 -21.10 8.94 -17.95
N VAL A 24 -20.11 8.11 -17.61
CA VAL A 24 -19.64 7.11 -18.53
C VAL A 24 -20.10 5.74 -18.08
N VAL A 25 -20.84 5.09 -18.97
CA VAL A 25 -21.44 3.78 -18.76
C VAL A 25 -21.27 2.95 -20.04
N GLY A 26 -20.89 1.69 -19.88
CA GLY A 26 -20.72 0.82 -21.04
C GLY A 26 -19.83 1.39 -22.13
N GLY A 27 -18.77 2.10 -21.73
CA GLY A 27 -17.86 2.66 -22.71
C GLY A 27 -18.39 3.89 -23.42
N LYS A 28 -19.59 4.32 -23.05
CA LYS A 28 -20.16 5.50 -23.67
C LYS A 28 -20.40 6.62 -22.66
N LEU A 29 -20.33 7.87 -23.12
CA LEU A 29 -20.60 9.01 -22.27
C LEU A 29 -22.04 9.41 -22.55
N PHE A 30 -22.81 9.62 -21.49
CA PHE A 30 -24.20 10.03 -21.63
C PHE A 30 -24.44 11.39 -21.01
N ARG A 31 -25.33 12.14 -21.64
CA ARG A 31 -25.63 13.48 -21.19
C ARG A 31 -27.08 13.77 -21.54
N PRO A 32 -27.83 14.37 -20.59
CA PRO A 32 -29.23 14.69 -20.86
C PRO A 32 -29.30 15.75 -21.95
N MET A 33 -30.12 15.51 -22.96
CA MET A 33 -30.24 16.45 -24.05
C MET A 33 -30.75 17.81 -23.59
N HIS A 34 -31.75 17.82 -22.72
CA HIS A 34 -32.28 19.09 -22.25
C HIS A 34 -31.28 19.91 -21.44
N VAL A 35 -30.17 19.31 -21.03
CA VAL A 35 -29.16 20.03 -20.25
C VAL A 35 -28.12 20.71 -21.14
N GLU A 36 -27.91 22.01 -20.93
CA GLU A 36 -26.93 22.70 -21.74
C GLU A 36 -25.71 23.15 -20.94
N GLY A 37 -24.59 23.30 -21.62
CA GLY A 37 -23.37 23.71 -20.95
C GLY A 37 -22.19 22.85 -21.34
N LYS A 38 -21.03 23.16 -20.78
CA LYS A 38 -19.82 22.42 -21.11
C LYS A 38 -19.40 21.42 -20.03
N ILE A 39 -19.12 20.18 -20.46
CA ILE A 39 -18.68 19.12 -19.55
C ILE A 39 -17.33 19.58 -18.96
N ASP A 40 -17.19 19.44 -17.65
CA ASP A 40 -15.96 19.86 -17.01
C ASP A 40 -14.85 18.82 -17.10
N ASN A 41 -14.47 18.52 -18.33
CA ASN A 41 -13.41 17.58 -18.64
C ASN A 41 -13.18 17.79 -20.13
N ASP A 42 -12.04 18.36 -20.46
CA ASP A 42 -11.73 18.66 -21.85
C ASP A 42 -11.84 17.51 -22.86
N VAL A 43 -11.31 16.34 -22.53
CA VAL A 43 -11.41 15.22 -23.47
C VAL A 43 -12.86 14.82 -23.75
N LEU A 44 -13.68 14.73 -22.71
CA LEU A 44 -15.08 14.37 -22.91
C LEU A 44 -15.88 15.50 -23.56
N ALA A 45 -15.54 16.74 -23.23
CA ALA A 45 -16.25 17.91 -23.75
C ALA A 45 -16.10 18.07 -25.25
N ALA A 46 -15.10 17.41 -25.82
CA ALA A 46 -14.82 17.52 -27.25
C ALA A 46 -15.41 16.42 -28.12
N LEU A 47 -15.85 15.33 -27.49
CA LEU A 47 -16.41 14.21 -28.24
C LEU A 47 -17.71 14.57 -28.94
N LYS A 48 -17.82 14.20 -30.21
CA LYS A 48 -19.03 14.47 -30.98
C LYS A 48 -20.12 13.53 -30.49
N THR A 49 -21.27 14.08 -30.08
CA THR A 49 -22.37 13.26 -29.57
C THR A 49 -23.47 12.95 -30.59
N LYS A 50 -24.08 11.78 -30.42
CA LYS A 50 -25.17 11.32 -31.26
C LYS A 50 -26.43 11.62 -30.42
N LYS A 51 -27.46 12.20 -31.03
CA LYS A 51 -28.70 12.55 -30.32
C LYS A 51 -29.83 11.52 -30.50
N ALA A 52 -30.68 11.43 -29.48
CA ALA A 52 -31.84 10.54 -29.45
C ALA A 52 -32.94 11.24 -28.64
N SER A 53 -33.62 12.20 -29.28
CA SER A 53 -34.69 13.00 -28.66
C SER A 53 -35.66 12.21 -27.82
N LYS A 54 -36.11 11.09 -28.36
CA LYS A 54 -37.07 10.24 -27.70
C LYS A 54 -36.69 9.99 -26.25
N TYR A 55 -35.41 9.73 -26.01
CA TYR A 55 -34.91 9.44 -24.66
C TYR A 55 -34.26 10.62 -23.96
N ASP A 56 -34.29 11.79 -24.59
CA ASP A 56 -33.67 12.98 -24.02
C ASP A 56 -32.23 12.71 -23.61
N LEU A 57 -31.55 11.88 -24.40
CA LEU A 57 -30.16 11.50 -24.16
C LEU A 57 -29.24 11.70 -25.35
N GLU A 58 -28.04 12.21 -25.08
CA GLU A 58 -27.00 12.42 -26.08
C GLU A 58 -25.89 11.48 -25.63
N TYR A 59 -25.14 10.92 -26.58
CA TYR A 59 -24.07 10.01 -26.21
C TYR A 59 -22.99 9.89 -27.28
N ALA A 60 -21.84 9.36 -26.87
CA ALA A 60 -20.70 9.16 -27.74
C ALA A 60 -19.81 8.10 -27.13
N ASP A 61 -19.10 7.36 -27.98
CA ASP A 61 -18.20 6.34 -27.48
C ASP A 61 -17.06 7.06 -26.77
N VAL A 62 -16.59 6.47 -25.69
CA VAL A 62 -15.50 7.04 -24.91
C VAL A 62 -14.17 6.60 -25.54
N PRO A 63 -13.14 7.47 -25.53
CA PRO A 63 -11.87 7.07 -26.13
C PRO A 63 -11.32 5.83 -25.41
N GLN A 64 -10.84 4.86 -26.17
CA GLN A 64 -10.32 3.60 -25.63
C GLN A 64 -9.55 3.70 -24.31
N ASN A 65 -8.74 4.76 -24.16
CA ASN A 65 -7.97 4.94 -22.94
C ASN A 65 -8.87 5.09 -21.70
N MET A 66 -10.18 5.12 -21.93
CA MET A 66 -11.13 5.26 -20.82
C MET A 66 -12.23 4.20 -20.88
N ARG A 67 -12.32 3.50 -22.01
CA ARG A 67 -13.33 2.48 -22.20
C ARG A 67 -13.44 1.54 -21.00
N ALA A 68 -12.29 1.06 -20.51
CA ALA A 68 -12.27 0.15 -19.38
C ALA A 68 -12.76 0.81 -18.08
N ASP A 69 -12.43 2.08 -17.86
CA ASP A 69 -12.88 2.70 -16.62
C ASP A 69 -14.21 3.47 -16.68
N THR A 70 -15.28 2.73 -16.98
CA THR A 70 -16.63 3.31 -17.02
C THR A 70 -17.57 2.37 -16.27
N PHE A 71 -18.67 2.93 -15.81
CA PHE A 71 -19.69 2.17 -15.09
C PHE A 71 -20.15 0.94 -15.85
N LYS A 72 -20.55 -0.08 -15.10
CA LYS A 72 -21.08 -1.29 -15.67
C LYS A 72 -22.59 -1.06 -15.52
N TYR A 73 -23.39 -1.53 -16.46
CA TYR A 73 -24.83 -1.32 -16.37
C TYR A 73 -25.58 -2.64 -16.41
N THR A 74 -26.85 -2.61 -16.04
CA THR A 74 -27.66 -3.82 -16.07
C THR A 74 -29.12 -3.48 -16.27
N HIS A 75 -29.93 -4.49 -16.54
CA HIS A 75 -31.36 -4.29 -16.72
C HIS A 75 -32.05 -4.79 -15.45
N GLU A 76 -31.28 -5.48 -14.59
CA GLU A 76 -31.85 -6.02 -13.37
C GLU A 76 -32.33 -4.90 -12.44
N LYS A 77 -33.63 -4.89 -12.17
CA LYS A 77 -34.23 -3.89 -11.31
C LYS A 77 -35.28 -4.50 -10.40
N PRO A 78 -34.87 -5.43 -9.52
CA PRO A 78 -35.85 -6.03 -8.62
C PRO A 78 -36.35 -4.94 -7.70
N GLN A 79 -37.63 -4.98 -7.33
CA GLN A 79 -38.19 -3.98 -6.43
C GLN A 79 -37.33 -3.94 -5.18
N GLY A 80 -37.14 -2.75 -4.62
CA GLY A 80 -36.30 -2.62 -3.44
C GLY A 80 -35.65 -1.24 -3.38
N TYR A 81 -34.36 -1.21 -3.07
CA TYR A 81 -33.70 0.09 -2.99
C TYR A 81 -32.36 0.14 -3.70
N TYR A 82 -32.02 1.35 -4.12
CA TYR A 82 -30.80 1.64 -4.84
C TYR A 82 -30.21 2.93 -4.27
N SER A 83 -29.16 3.45 -4.89
CA SER A 83 -28.57 4.68 -4.40
C SER A 83 -28.11 5.63 -5.48
N TRP A 84 -27.98 6.90 -5.11
CA TRP A 84 -27.48 7.91 -6.03
C TRP A 84 -26.82 8.97 -5.17
N HIS A 85 -26.27 10.01 -5.79
CA HIS A 85 -25.59 11.02 -5.00
C HIS A 85 -26.32 11.47 -3.74
N HIS A 86 -27.63 11.67 -3.83
CA HIS A 86 -28.38 12.14 -2.66
C HIS A 86 -28.87 11.13 -1.65
N GLY A 87 -28.69 9.84 -1.94
CA GLY A 87 -29.13 8.85 -0.96
C GLY A 87 -29.92 7.67 -1.48
N ALA A 88 -30.82 7.17 -0.62
CA ALA A 88 -31.66 6.04 -0.96
C ALA A 88 -32.66 6.36 -2.07
N VAL A 89 -32.75 5.46 -3.05
CA VAL A 89 -33.72 5.61 -4.12
C VAL A 89 -34.55 4.34 -4.11
N GLN A 90 -35.86 4.51 -4.06
CA GLN A 90 -36.74 3.34 -4.04
C GLN A 90 -37.16 2.94 -5.45
N TYR A 91 -37.34 1.64 -5.67
CA TYR A 91 -37.83 1.18 -6.96
C TYR A 91 -39.00 0.26 -6.66
N GLU A 92 -40.19 0.67 -7.09
CA GLU A 92 -41.40 -0.11 -6.88
C GLU A 92 -42.44 0.29 -7.92
N ASN A 93 -43.24 -0.67 -8.38
CA ASN A 93 -44.25 -0.43 -9.39
C ASN A 93 -43.69 0.29 -10.61
N GLY A 94 -42.52 -0.17 -11.04
CA GLY A 94 -41.88 0.39 -12.21
C GLY A 94 -41.39 1.83 -12.15
N ARG A 95 -41.23 2.39 -10.95
CA ARG A 95 -40.76 3.76 -10.88
C ARG A 95 -39.86 4.01 -9.68
N PHE A 96 -38.93 4.94 -9.84
CA PHE A 96 -37.99 5.32 -8.78
C PHE A 96 -38.52 6.52 -8.04
N THR A 97 -38.35 6.51 -6.72
CA THR A 97 -38.79 7.59 -5.88
C THR A 97 -37.72 7.86 -4.83
N VAL A 98 -37.68 9.11 -4.34
CA VAL A 98 -36.72 9.52 -3.32
C VAL A 98 -37.52 10.32 -2.31
N PRO A 99 -36.94 10.60 -1.13
CA PRO A 99 -37.72 11.37 -0.14
C PRO A 99 -37.97 12.79 -0.65
N LYS A 100 -38.98 13.44 -0.09
CA LYS A 100 -39.33 14.82 -0.45
C LYS A 100 -38.20 15.77 -0.07
N GLY A 101 -37.95 16.76 -0.93
CA GLY A 101 -36.91 17.74 -0.65
C GLY A 101 -35.56 17.39 -1.27
N VAL A 102 -35.44 16.18 -1.79
CA VAL A 102 -34.22 15.72 -2.43
C VAL A 102 -34.47 15.74 -3.95
N GLY A 103 -33.48 16.18 -4.72
CA GLY A 103 -33.63 16.24 -6.15
C GLY A 103 -34.09 17.60 -6.64
N ALA A 104 -33.28 18.25 -7.47
CA ALA A 104 -33.61 19.57 -8.00
C ALA A 104 -32.85 19.85 -9.28
N LYS A 105 -32.97 21.06 -9.79
CA LYS A 105 -32.27 21.47 -11.01
C LYS A 105 -30.77 21.30 -10.80
N GLY A 106 -30.15 20.52 -11.66
CA GLY A 106 -28.72 20.28 -11.53
C GLY A 106 -28.47 18.81 -11.33
N ASP A 107 -29.52 18.06 -11.00
CA ASP A 107 -29.35 16.63 -10.81
C ASP A 107 -29.54 15.74 -12.04
N SER A 108 -30.02 16.31 -13.14
CA SER A 108 -30.21 15.54 -14.37
C SER A 108 -28.89 14.94 -14.83
N GLY A 109 -28.93 13.67 -15.24
CA GLY A 109 -27.71 13.02 -15.69
C GLY A 109 -27.02 12.16 -14.64
N ARG A 110 -27.34 12.39 -13.37
CA ARG A 110 -26.75 11.58 -12.30
C ARG A 110 -27.26 10.14 -12.44
N PRO A 111 -26.41 9.15 -12.12
CA PRO A 111 -26.85 7.75 -12.24
C PRO A 111 -27.41 7.21 -10.91
N ILE A 112 -28.24 6.16 -11.00
CA ILE A 112 -28.79 5.48 -9.84
C ILE A 112 -28.09 4.11 -9.93
N LEU A 113 -27.49 3.64 -8.84
CA LEU A 113 -26.76 2.37 -8.86
C LEU A 113 -27.26 1.29 -7.90
N ASP A 114 -27.01 0.03 -8.26
CA ASP A 114 -27.41 -1.06 -7.36
C ASP A 114 -26.22 -1.30 -6.45
N ASN A 115 -26.39 -2.17 -5.46
CA ASN A 115 -25.36 -2.48 -4.47
C ASN A 115 -24.10 -3.09 -5.09
N GLN A 116 -24.20 -3.58 -6.32
CA GLN A 116 -23.01 -4.14 -6.97
C GLN A 116 -22.28 -3.05 -7.75
N GLY A 117 -22.74 -1.82 -7.62
CA GLY A 117 -22.10 -0.72 -8.32
C GLY A 117 -22.48 -0.56 -9.79
N ARG A 118 -23.46 -1.34 -10.25
CA ARG A 118 -23.90 -1.26 -11.63
C ARG A 118 -24.98 -0.17 -11.80
N VAL A 119 -25.01 0.46 -12.98
CA VAL A 119 -25.98 1.50 -13.24
C VAL A 119 -27.32 0.91 -13.73
N VAL A 120 -28.39 1.25 -13.03
CA VAL A 120 -29.71 0.75 -13.39
C VAL A 120 -30.55 1.85 -14.05
N ALA A 121 -30.08 3.09 -13.96
CA ALA A 121 -30.83 4.20 -14.53
C ALA A 121 -30.08 5.53 -14.50
N ILE A 122 -30.56 6.47 -15.31
CA ILE A 122 -29.98 7.81 -15.36
C ILE A 122 -31.14 8.79 -15.16
N VAL A 123 -30.99 9.68 -14.20
CA VAL A 123 -32.02 10.66 -13.86
C VAL A 123 -32.14 11.80 -14.88
N LEU A 124 -33.37 12.12 -15.26
CA LEU A 124 -33.63 13.20 -16.22
C LEU A 124 -34.46 14.29 -15.55
N GLY A 125 -35.07 13.94 -14.42
CA GLY A 125 -35.88 14.92 -13.73
C GLY A 125 -36.80 14.26 -12.74
N GLY A 126 -37.80 15.01 -12.26
CA GLY A 126 -38.73 14.46 -11.31
C GLY A 126 -39.86 15.42 -10.96
N VAL A 127 -40.64 15.02 -9.96
CA VAL A 127 -41.77 15.80 -9.50
C VAL A 127 -42.19 15.31 -8.12
N ASN A 128 -42.46 16.25 -7.23
CA ASN A 128 -42.89 15.87 -5.89
C ASN A 128 -44.34 15.38 -5.94
N GLU A 129 -44.65 14.32 -5.20
CA GLU A 129 -46.01 13.76 -5.18
C GLU A 129 -46.47 13.61 -3.74
N GLY A 130 -45.93 14.44 -2.86
CA GLY A 130 -46.29 14.36 -1.46
C GLY A 130 -45.06 14.07 -0.61
N SER A 131 -45.13 13.01 0.18
CA SER A 131 -43.99 12.66 1.03
C SER A 131 -42.85 12.20 0.13
N ARG A 132 -43.21 11.72 -1.06
CA ARG A 132 -42.22 11.23 -2.01
C ARG A 132 -42.18 12.02 -3.30
N THR A 133 -41.06 11.91 -3.99
CA THR A 133 -40.82 12.58 -5.27
C THR A 133 -40.47 11.48 -6.28
N ALA A 134 -41.20 11.46 -7.40
CA ALA A 134 -41.02 10.47 -8.47
C ALA A 134 -40.01 10.93 -9.51
N LEU A 135 -39.19 10.00 -9.99
CA LEU A 135 -38.17 10.35 -10.96
C LEU A 135 -38.50 9.97 -12.39
N SER A 136 -37.92 10.75 -13.31
CA SER A 136 -38.02 10.53 -14.73
C SER A 136 -36.63 9.96 -15.02
N VAL A 137 -36.56 8.86 -15.75
CA VAL A 137 -35.27 8.23 -16.03
C VAL A 137 -35.26 7.46 -17.36
N VAL A 138 -34.07 7.00 -17.74
CA VAL A 138 -33.91 6.16 -18.92
C VAL A 138 -33.32 4.91 -18.34
N MET A 139 -33.94 3.77 -18.61
CA MET A 139 -33.47 2.49 -18.09
C MET A 139 -33.14 1.57 -19.27
N TRP A 140 -32.83 0.32 -18.95
CA TRP A 140 -32.50 -0.69 -19.96
C TRP A 140 -33.25 -1.97 -19.65
N ASN A 141 -33.80 -2.62 -20.68
CA ASN A 141 -34.54 -3.86 -20.47
C ASN A 141 -33.71 -5.05 -20.95
N GLU A 142 -34.34 -6.23 -20.98
CA GLU A 142 -33.69 -7.46 -21.42
C GLU A 142 -32.81 -7.29 -22.66
N LYS A 143 -33.43 -6.87 -23.76
CA LYS A 143 -32.75 -6.68 -25.05
C LYS A 143 -31.71 -5.57 -25.08
N GLY A 144 -31.49 -4.90 -23.95
CA GLY A 144 -30.52 -3.83 -23.91
C GLY A 144 -31.11 -2.55 -24.49
N VAL A 145 -32.42 -2.60 -24.76
CA VAL A 145 -33.15 -1.48 -25.33
C VAL A 145 -33.39 -0.38 -24.29
N THR A 146 -33.03 0.84 -24.66
CA THR A 146 -33.21 1.98 -23.78
C THR A 146 -34.68 2.35 -23.68
N VAL A 147 -35.17 2.48 -22.46
CA VAL A 147 -36.57 2.82 -22.19
C VAL A 147 -36.63 4.05 -21.30
N LYS A 148 -37.50 4.99 -21.61
CA LYS A 148 -37.62 6.18 -20.80
C LYS A 148 -38.97 6.24 -20.09
N TYR A 149 -38.93 6.60 -18.80
CA TYR A 149 -40.13 6.72 -17.98
C TYR A 149 -40.24 8.12 -17.39
N THR A 150 -41.42 8.72 -17.52
CA THR A 150 -41.65 10.06 -16.99
C THR A 150 -42.95 10.10 -16.20
N PRO A 151 -42.87 10.43 -14.90
CA PRO A 151 -44.06 10.50 -14.05
C PRO A 151 -44.98 11.58 -14.58
N GLU A 152 -46.24 11.53 -14.15
CA GLU A 152 -47.25 12.51 -14.52
C GLU A 152 -46.81 13.90 -14.05
N ASN A 153 -46.88 14.89 -14.94
CA ASN A 153 -46.49 16.27 -14.62
C ASN A 153 -45.04 16.46 -14.23
N CYS A 154 -44.20 15.54 -14.69
CA CYS A 154 -42.79 15.62 -14.39
C CYS A 154 -42.23 16.95 -14.89
N GLU A 155 -41.06 17.31 -14.37
CA GLU A 155 -40.40 18.52 -14.79
C GLU A 155 -38.91 18.17 -14.92
N GLN A 156 -38.30 18.63 -16.00
CA GLN A 156 -36.90 18.34 -16.25
C GLN A 156 -36.02 19.09 -15.27
N TRP A 157 -34.98 18.43 -14.77
CA TRP A 157 -34.06 19.06 -13.83
C TRP A 157 -32.74 19.45 -14.50
N VAL B 1 12.75 6.29 23.70
CA VAL B 1 11.96 6.04 22.47
C VAL B 1 12.85 5.46 21.37
N MET B 2 12.68 4.16 21.11
CA MET B 2 13.48 3.51 20.08
C MET B 2 12.66 3.36 18.80
N LYS B 3 13.08 4.04 17.73
CA LYS B 3 12.38 3.97 16.47
C LYS B 3 13.09 3.05 15.50
N LEU B 4 12.59 1.83 15.42
CA LEU B 4 13.16 0.84 14.52
C LEU B 4 12.20 0.60 13.39
N GLU B 5 12.53 1.07 12.20
CA GLU B 5 11.64 0.87 11.07
C GLU B 5 11.56 -0.61 10.67
N SER B 6 10.34 -1.13 10.60
CA SER B 6 10.13 -2.53 10.23
C SER B 6 9.88 -2.73 8.72
N ASP B 7 10.01 -3.96 8.25
CA ASP B 7 9.80 -4.27 6.84
C ASP B 7 8.43 -3.79 6.43
N LYS B 8 8.36 -3.19 5.25
CA LYS B 8 7.09 -2.71 4.73
C LYS B 8 6.81 -3.33 3.36
N THR B 9 7.64 -4.29 2.97
CA THR B 9 7.49 -5.03 1.72
C THR B 9 7.49 -6.47 2.15
N PHE B 10 6.74 -7.33 1.46
CA PHE B 10 6.65 -8.73 1.83
C PHE B 10 6.61 -9.63 0.58
N PRO B 11 7.41 -10.70 0.59
CA PRO B 11 7.45 -11.60 -0.55
C PRO B 11 6.14 -12.36 -0.75
N ILE B 12 5.75 -12.52 -2.01
CA ILE B 12 4.55 -13.27 -2.37
C ILE B 12 5.05 -14.64 -2.81
N MET B 13 4.67 -15.67 -2.07
CA MET B 13 5.10 -17.03 -2.35
C MET B 13 4.17 -17.80 -3.28
N LEU B 14 4.76 -18.56 -4.20
CA LEU B 14 4.01 -19.37 -5.18
C LEU B 14 4.86 -20.59 -5.51
N GLU B 15 4.30 -21.78 -5.29
CA GLU B 15 5.02 -23.03 -5.56
C GLU B 15 6.32 -23.00 -4.75
N GLY B 16 6.24 -22.42 -3.55
CA GLY B 16 7.40 -22.33 -2.70
C GLY B 16 8.50 -21.42 -3.21
N LYS B 17 8.14 -20.45 -4.06
CA LYS B 17 9.12 -19.53 -4.63
C LYS B 17 8.63 -18.08 -4.58
N ILE B 18 9.57 -17.15 -4.46
CA ILE B 18 9.24 -15.72 -4.41
C ILE B 18 8.89 -15.24 -5.81
N ASN B 19 7.58 -15.06 -6.05
CA ASN B 19 7.05 -14.65 -7.34
C ASN B 19 6.84 -13.14 -7.45
N GLY B 20 7.11 -12.42 -6.36
CA GLY B 20 6.94 -10.98 -6.39
C GLY B 20 6.80 -10.43 -5.00
N TYR B 21 6.37 -9.17 -4.92
CA TYR B 21 6.21 -8.54 -3.63
C TYR B 21 4.98 -7.66 -3.49
N ALA B 22 4.61 -7.43 -2.24
CA ALA B 22 3.50 -6.57 -1.90
C ALA B 22 4.12 -5.58 -0.94
N CYS B 23 3.43 -4.48 -0.70
CA CYS B 23 3.94 -3.51 0.24
C CYS B 23 2.81 -2.68 0.81
N VAL B 24 3.11 -2.00 1.90
CA VAL B 24 2.12 -1.17 2.54
C VAL B 24 2.51 0.31 2.41
N VAL B 25 1.66 1.07 1.72
CA VAL B 25 1.89 2.49 1.47
C VAL B 25 0.60 3.26 1.78
N GLY B 26 0.69 4.26 2.64
CA GLY B 26 -0.47 5.07 2.98
C GLY B 26 -1.64 4.28 3.54
N GLY B 27 -1.36 3.48 4.57
CA GLY B 27 -2.41 2.68 5.19
C GLY B 27 -2.98 1.59 4.31
N LYS B 28 -2.55 1.53 3.05
CA LYS B 28 -3.06 0.51 2.14
C LYS B 28 -2.00 -0.53 1.82
N LEU B 29 -2.50 -1.63 1.48
CA LEU B 29 -1.62 -2.74 1.05
C LEU B 29 -1.77 -3.02 -0.45
N PHE B 30 -0.65 -3.12 -1.18
CA PHE B 30 -0.73 -3.31 -2.62
C PHE B 30 0.04 -4.52 -3.10
N ARG B 31 -0.43 -5.08 -4.21
CA ARG B 31 0.23 -6.21 -4.84
C ARG B 31 -0.07 -6.13 -6.35
N PRO B 32 0.94 -6.35 -7.19
CA PRO B 32 0.70 -6.29 -8.63
C PRO B 32 -0.37 -7.30 -8.94
N MET B 33 -1.34 -6.91 -9.77
CA MET B 33 -2.44 -7.79 -10.10
C MET B 33 -2.00 -9.01 -10.90
N HIS B 34 -1.08 -8.82 -11.84
CA HIS B 34 -0.63 -9.94 -12.66
C HIS B 34 0.16 -10.98 -11.86
N VAL B 35 0.55 -10.65 -10.64
CA VAL B 35 1.32 -11.58 -9.83
C VAL B 35 0.47 -12.47 -8.93
N GLU B 36 0.63 -13.78 -9.07
CA GLU B 36 -0.12 -14.73 -8.26
C GLU B 36 0.75 -15.21 -7.11
N GLY B 37 0.11 -15.72 -6.07
CA GLY B 37 0.84 -16.21 -4.91
C GLY B 37 0.18 -15.79 -3.62
N LYS B 38 0.74 -16.23 -2.50
CA LYS B 38 0.21 -15.90 -1.20
C LYS B 38 1.23 -15.06 -0.44
N ILE B 39 0.79 -13.94 0.11
CA ILE B 39 1.70 -13.09 0.86
C ILE B 39 2.24 -13.82 2.08
N ASP B 40 3.56 -13.85 2.20
CA ASP B 40 4.22 -14.53 3.32
C ASP B 40 3.95 -13.80 4.65
N ASN B 41 2.69 -13.50 4.90
CA ASN B 41 2.28 -12.80 6.13
C ASN B 41 0.81 -13.07 6.38
N ASP B 42 0.54 -14.03 7.27
CA ASP B 42 -0.82 -14.43 7.61
C ASP B 42 -1.84 -13.31 7.63
N VAL B 43 -1.63 -12.33 8.51
CA VAL B 43 -2.53 -11.19 8.66
C VAL B 43 -2.89 -10.50 7.34
N LEU B 44 -1.86 -10.13 6.57
CA LEU B 44 -2.05 -9.45 5.29
C LEU B 44 -2.64 -10.37 4.22
N ALA B 45 -2.23 -11.63 4.25
CA ALA B 45 -2.70 -12.61 3.27
C ALA B 45 -4.21 -12.84 3.34
N ALA B 46 -4.80 -12.57 4.50
CA ALA B 46 -6.24 -12.77 4.72
C ALA B 46 -7.09 -11.59 4.26
N LEU B 47 -6.50 -10.41 4.23
CA LEU B 47 -7.22 -9.21 3.80
C LEU B 47 -7.84 -9.40 2.42
N LYS B 48 -9.06 -8.89 2.26
CA LYS B 48 -9.73 -8.97 0.96
C LYS B 48 -9.23 -7.75 0.19
N THR B 49 -9.05 -7.90 -1.12
CA THR B 49 -8.53 -6.82 -1.95
C THR B 49 -9.47 -6.32 -3.05
N LYS B 50 -9.46 -5.00 -3.26
CA LYS B 50 -10.25 -4.38 -4.32
C LYS B 50 -9.27 -4.40 -5.49
N LYS B 51 -9.77 -4.52 -6.71
CA LYS B 51 -8.91 -4.58 -7.88
C LYS B 51 -9.04 -3.36 -8.79
N ALA B 52 -7.90 -2.91 -9.31
CA ALA B 52 -7.84 -1.76 -10.21
C ALA B 52 -7.02 -2.19 -11.43
N SER B 53 -7.66 -2.93 -12.34
CA SER B 53 -7.00 -3.44 -13.54
C SER B 53 -6.19 -2.39 -14.26
N LYS B 54 -6.73 -1.18 -14.34
CA LYS B 54 -6.05 -0.09 -15.01
C LYS B 54 -4.59 0.09 -14.54
N TYR B 55 -4.36 -0.13 -13.24
CA TYR B 55 -3.05 0.04 -12.65
C TYR B 55 -2.33 -1.25 -12.32
N ASP B 56 -2.89 -2.37 -12.77
CA ASP B 56 -2.33 -3.68 -12.50
C ASP B 56 -2.05 -3.79 -11.01
N LEU B 57 -2.95 -3.22 -10.21
CA LEU B 57 -2.80 -3.25 -8.76
C LEU B 57 -4.06 -3.68 -8.00
N GLU B 58 -3.86 -4.47 -6.94
CA GLU B 58 -4.95 -4.90 -6.07
C GLU B 58 -4.60 -4.24 -4.74
N TYR B 59 -5.60 -3.81 -3.99
CA TYR B 59 -5.31 -3.16 -2.72
C TYR B 59 -6.36 -3.36 -1.65
N ALA B 60 -5.95 -3.24 -0.40
CA ALA B 60 -6.83 -3.39 0.74
C ALA B 60 -6.39 -2.46 1.85
N ASP B 61 -7.29 -2.13 2.75
CA ASP B 61 -6.94 -1.25 3.86
C ASP B 61 -6.27 -2.10 4.90
N VAL B 62 -5.14 -1.63 5.38
CA VAL B 62 -4.35 -2.32 6.39
C VAL B 62 -5.05 -2.20 7.74
N PRO B 63 -4.87 -3.19 8.63
CA PRO B 63 -5.50 -3.15 9.95
C PRO B 63 -5.13 -1.92 10.76
N GLN B 64 -6.01 -1.55 11.68
CA GLN B 64 -5.82 -0.38 12.52
C GLN B 64 -4.44 -0.32 13.17
N ASN B 65 -4.00 -1.45 13.72
CA ASN B 65 -2.70 -1.50 14.40
C ASN B 65 -1.50 -1.33 13.47
N MET B 66 -1.73 -1.35 12.16
CA MET B 66 -0.63 -1.18 11.21
C MET B 66 -0.69 0.18 10.54
N ARG B 67 -1.83 0.85 10.65
CA ARG B 67 -2.02 2.16 10.04
C ARG B 67 -0.81 3.11 10.17
N ALA B 68 -0.06 3.00 11.27
CA ALA B 68 1.09 3.88 11.48
C ALA B 68 2.44 3.30 11.08
N ASP B 69 2.46 2.07 10.60
CA ASP B 69 3.73 1.45 10.21
C ASP B 69 3.80 1.14 8.71
N THR B 70 3.42 2.11 7.89
CA THR B 70 3.45 1.92 6.43
C THR B 70 4.29 3.00 5.76
N PHE B 71 4.61 2.77 4.50
CA PHE B 71 5.38 3.73 3.73
C PHE B 71 4.59 5.01 3.46
N LYS B 72 5.27 6.14 3.51
CA LYS B 72 4.63 7.40 3.19
C LYS B 72 4.94 7.48 1.68
N TYR B 73 4.11 8.19 0.91
CA TYR B 73 4.37 8.30 -0.52
C TYR B 73 4.35 9.76 -0.95
N THR B 74 4.96 10.06 -2.09
CA THR B 74 4.97 11.42 -2.60
C THR B 74 4.91 11.42 -4.11
N HIS B 75 4.52 12.56 -4.66
CA HIS B 75 4.43 12.74 -6.11
C HIS B 75 5.69 13.41 -6.63
N GLU B 76 6.44 14.04 -5.72
CA GLU B 76 7.68 14.75 -6.04
C GLU B 76 8.70 13.81 -6.66
N LYS B 77 8.91 14.00 -7.96
CA LYS B 77 9.85 13.18 -8.72
C LYS B 77 10.89 14.01 -9.46
N PRO B 78 11.64 14.86 -8.74
CA PRO B 78 12.65 15.64 -9.46
C PRO B 78 13.63 14.70 -10.15
N GLN B 79 14.15 15.11 -11.29
CA GLN B 79 15.10 14.30 -12.02
C GLN B 79 16.35 14.10 -11.17
N GLY B 80 16.80 12.86 -11.08
CA GLY B 80 17.98 12.53 -10.30
C GLY B 80 17.95 11.05 -10.01
N TYR B 81 18.34 10.65 -8.80
CA TYR B 81 18.34 9.24 -8.49
C TYR B 81 17.53 8.87 -7.26
N TYR B 82 17.13 7.60 -7.22
CA TYR B 82 16.35 7.08 -6.11
C TYR B 82 16.85 5.66 -5.85
N SER B 83 16.28 4.99 -4.86
CA SER B 83 16.75 3.65 -4.60
C SER B 83 15.64 2.63 -4.54
N TRP B 84 16.02 1.37 -4.68
CA TRP B 84 15.09 0.26 -4.58
C TRP B 84 16.00 -0.87 -4.15
N HIS B 85 15.44 -2.01 -3.81
CA HIS B 85 16.26 -3.12 -3.34
C HIS B 85 17.60 -3.33 -4.09
N HIS B 86 17.58 -3.38 -5.42
CA HIS B 86 18.81 -3.63 -6.18
C HIS B 86 19.81 -2.46 -6.32
N GLY B 87 19.47 -1.29 -5.79
CA GLY B 87 20.40 -0.19 -5.89
C GLY B 87 19.88 1.11 -6.44
N ALA B 88 20.71 1.76 -7.25
CA ALA B 88 20.39 3.04 -7.85
C ALA B 88 19.29 3.00 -8.92
N VAL B 89 18.36 3.93 -8.80
CA VAL B 89 17.26 4.05 -9.75
C VAL B 89 17.26 5.49 -10.23
N GLN B 90 17.34 5.66 -11.55
CA GLN B 90 17.37 6.98 -12.16
C GLN B 90 15.99 7.39 -12.66
N TYR B 91 15.72 8.69 -12.58
CA TYR B 91 14.45 9.23 -13.05
C TYR B 91 14.76 10.43 -13.93
N GLU B 92 14.40 10.32 -15.20
CA GLU B 92 14.66 11.40 -16.15
C GLU B 92 13.68 11.37 -17.32
N ASN B 93 13.12 12.53 -17.61
CA ASN B 93 12.16 12.69 -18.68
C ASN B 93 10.98 11.73 -18.51
N GLY B 94 10.50 11.62 -17.27
CA GLY B 94 9.36 10.79 -16.96
C GLY B 94 9.52 9.27 -16.91
N ARG B 95 10.76 8.78 -16.99
CA ARG B 95 10.98 7.34 -16.95
C ARG B 95 11.99 6.97 -15.86
N PHE B 96 11.74 5.86 -15.17
CA PHE B 96 12.66 5.37 -14.15
C PHE B 96 13.51 4.32 -14.88
N THR B 97 14.81 4.34 -14.65
CA THR B 97 15.69 3.37 -15.26
C THR B 97 16.69 2.87 -14.24
N VAL B 98 17.17 1.65 -14.48
CA VAL B 98 18.16 1.00 -13.64
C VAL B 98 19.24 0.47 -14.57
N PRO B 99 20.39 0.06 -14.01
CA PRO B 99 21.55 -0.48 -14.75
C PRO B 99 21.19 -1.75 -15.51
N LYS B 100 21.82 -1.96 -16.65
CA LYS B 100 21.58 -3.16 -17.43
C LYS B 100 21.89 -4.43 -16.62
N GLY B 101 21.03 -5.44 -16.74
CA GLY B 101 21.27 -6.68 -16.00
C GLY B 101 20.78 -6.70 -14.56
N VAL B 102 19.99 -5.70 -14.19
CA VAL B 102 19.44 -5.61 -12.85
C VAL B 102 17.93 -5.59 -13.07
N GLY B 103 17.21 -6.44 -12.33
CA GLY B 103 15.77 -6.48 -12.51
C GLY B 103 15.33 -7.62 -13.42
N ALA B 104 14.42 -8.45 -12.93
CA ALA B 104 13.92 -9.60 -13.68
C ALA B 104 12.66 -10.09 -13.00
N LYS B 105 11.97 -11.02 -13.65
CA LYS B 105 10.75 -11.58 -13.09
C LYS B 105 11.01 -11.92 -11.62
N GLY B 106 10.15 -11.41 -10.75
CA GLY B 106 10.31 -11.63 -9.32
C GLY B 106 10.37 -10.30 -8.57
N ASP B 107 10.70 -9.22 -9.28
CA ASP B 107 10.81 -7.89 -8.67
C ASP B 107 9.52 -7.06 -8.71
N SER B 108 8.51 -7.57 -9.39
CA SER B 108 7.23 -6.87 -9.48
C SER B 108 6.64 -6.64 -8.09
N GLY B 109 6.37 -5.37 -7.77
CA GLY B 109 5.80 -5.05 -6.47
C GLY B 109 6.78 -4.32 -5.56
N ARG B 110 8.06 -4.27 -5.94
CA ARG B 110 9.05 -3.60 -5.12
C ARG B 110 8.89 -2.08 -5.21
N PRO B 111 8.97 -1.39 -4.06
CA PRO B 111 8.83 0.06 -4.09
C PRO B 111 10.13 0.77 -4.48
N ILE B 112 10.02 2.03 -4.91
CA ILE B 112 11.16 2.85 -5.26
C ILE B 112 11.05 3.99 -4.25
N LEU B 113 12.17 4.43 -3.69
CA LEU B 113 12.14 5.46 -2.65
C LEU B 113 13.08 6.65 -2.83
N ASP B 114 12.70 7.81 -2.27
CA ASP B 114 13.58 8.96 -2.34
C ASP B 114 14.49 8.94 -1.09
N ASN B 115 15.42 9.87 -0.99
CA ASN B 115 16.32 9.89 0.16
C ASN B 115 15.58 10.14 1.49
N GLN B 116 14.34 10.64 1.43
CA GLN B 116 13.59 10.86 2.66
C GLN B 116 12.82 9.61 3.06
N GLY B 117 13.08 8.49 2.38
CA GLY B 117 12.39 7.26 2.70
C GLY B 117 10.95 7.18 2.21
N ARG B 118 10.58 8.08 1.31
CA ARG B 118 9.22 8.12 0.77
C ARG B 118 9.09 7.40 -0.58
N VAL B 119 7.98 6.67 -0.76
CA VAL B 119 7.71 5.92 -1.98
C VAL B 119 7.30 6.82 -3.13
N VAL B 120 8.02 6.71 -4.26
CA VAL B 120 7.71 7.50 -5.44
C VAL B 120 7.07 6.64 -6.54
N ALA B 121 7.20 5.32 -6.43
CA ALA B 121 6.65 4.45 -7.45
C ALA B 121 6.68 3.00 -7.03
N ILE B 122 5.90 2.18 -7.74
CA ILE B 122 5.90 0.74 -7.47
C ILE B 122 6.22 0.07 -8.80
N VAL B 123 7.19 -0.83 -8.80
CA VAL B 123 7.61 -1.52 -10.01
C VAL B 123 6.64 -2.62 -10.45
N LEU B 124 6.36 -2.68 -11.76
CA LEU B 124 5.48 -3.74 -12.28
C LEU B 124 6.30 -4.64 -13.23
N GLY B 125 7.36 -4.09 -13.81
CA GLY B 125 8.19 -4.85 -14.73
C GLY B 125 9.18 -3.95 -15.47
N GLY B 126 9.80 -4.46 -16.52
CA GLY B 126 10.76 -3.65 -17.25
C GLY B 126 11.23 -4.25 -18.57
N VAL B 127 12.22 -3.63 -19.18
CA VAL B 127 12.77 -4.08 -20.45
C VAL B 127 14.12 -3.42 -20.69
N ASN B 128 15.09 -4.18 -21.18
CA ASN B 128 16.39 -3.62 -21.45
C ASN B 128 16.38 -2.80 -22.74
N GLU B 129 16.99 -1.63 -22.69
CA GLU B 129 17.10 -0.70 -23.82
C GLU B 129 18.57 -0.27 -23.85
N GLY B 130 19.45 -1.15 -24.31
CA GLY B 130 20.86 -0.80 -24.36
C GLY B 130 21.55 -0.88 -22.99
N SER B 131 22.22 0.19 -22.59
CA SER B 131 22.93 0.18 -21.31
C SER B 131 22.02 0.29 -20.10
N ARG B 132 20.75 0.61 -20.32
CA ARG B 132 19.82 0.74 -19.20
C ARG B 132 18.57 -0.08 -19.39
N THR B 133 17.89 -0.35 -18.28
CA THR B 133 16.64 -1.09 -18.28
C THR B 133 15.56 -0.13 -17.79
N ALA B 134 14.58 0.13 -18.65
CA ALA B 134 13.47 1.05 -18.36
C ALA B 134 12.37 0.29 -17.59
N LEU B 135 11.81 0.94 -16.58
CA LEU B 135 10.80 0.29 -15.76
C LEU B 135 9.34 0.67 -16.01
N SER B 136 8.47 -0.28 -15.73
CA SER B 136 7.02 -0.05 -15.83
C SER B 136 6.70 0.24 -14.36
N VAL B 137 5.97 1.31 -14.09
CA VAL B 137 5.64 1.66 -12.72
C VAL B 137 4.29 2.33 -12.56
N VAL B 138 3.87 2.41 -11.30
CA VAL B 138 2.66 3.09 -10.91
C VAL B 138 3.22 4.26 -10.11
N MET B 139 2.82 5.49 -10.44
CA MET B 139 3.28 6.67 -9.70
C MET B 139 2.08 7.53 -9.33
N TRP B 140 2.35 8.75 -8.86
CA TRP B 140 1.30 9.67 -8.45
C TRP B 140 1.68 11.12 -8.74
N ASN B 141 0.74 11.90 -9.27
CA ASN B 141 1.00 13.32 -9.51
C ASN B 141 0.55 14.11 -8.27
N GLU B 142 0.73 15.44 -8.30
CA GLU B 142 0.37 16.31 -7.17
C GLU B 142 -1.05 16.18 -6.62
N LYS B 143 -2.00 15.86 -7.49
CA LYS B 143 -3.40 15.71 -7.08
C LYS B 143 -3.69 14.40 -6.35
N GLY B 144 -2.77 13.45 -6.43
CA GLY B 144 -2.97 12.16 -5.79
C GLY B 144 -3.47 11.13 -6.80
N VAL B 145 -3.65 11.59 -8.04
CA VAL B 145 -4.11 10.71 -9.11
C VAL B 145 -3.05 9.65 -9.40
N THR B 146 -3.45 8.39 -9.41
CA THR B 146 -2.50 7.34 -9.69
C THR B 146 -2.27 7.27 -11.19
N VAL B 147 -1.03 7.15 -11.59
CA VAL B 147 -0.73 7.06 -13.02
C VAL B 147 0.13 5.83 -13.29
N LYS B 148 -0.20 5.10 -14.34
CA LYS B 148 0.59 3.94 -14.68
C LYS B 148 1.37 4.21 -15.95
N TYR B 149 2.66 3.90 -15.94
CA TYR B 149 3.52 4.09 -17.10
C TYR B 149 4.22 2.77 -17.45
N THR B 150 4.12 2.39 -18.72
CA THR B 150 4.73 1.15 -19.22
C THR B 150 5.57 1.40 -20.49
N PRO B 151 6.87 1.09 -20.42
CA PRO B 151 7.78 1.28 -21.55
C PRO B 151 7.46 0.37 -22.73
N GLU B 152 7.89 0.81 -23.92
CA GLU B 152 7.70 0.05 -25.16
C GLU B 152 8.26 -1.35 -24.97
N ASN B 153 7.55 -2.38 -25.43
CA ASN B 153 7.98 -3.77 -25.32
C ASN B 153 8.32 -4.19 -23.89
N CYS B 154 7.60 -3.63 -22.92
CA CYS B 154 7.86 -3.96 -21.53
C CYS B 154 7.54 -5.40 -21.21
N GLU B 155 8.20 -5.95 -20.19
CA GLU B 155 7.95 -7.31 -19.76
C GLU B 155 7.45 -7.25 -18.32
N GLN B 156 6.34 -7.92 -18.03
CA GLN B 156 5.84 -7.93 -16.67
C GLN B 156 6.77 -8.77 -15.83
N TRP B 157 7.08 -8.31 -14.61
CA TRP B 157 7.96 -9.06 -13.73
C TRP B 157 7.17 -9.74 -12.62
N GLU C 5 14.08 -8.49 38.94
CA GLU C 5 15.13 -8.30 37.83
C GLU C 5 15.93 -9.57 37.31
N SER C 6 17.26 -9.48 37.23
CA SER C 6 18.13 -10.56 36.70
C SER C 6 17.80 -11.36 35.39
N ASP C 7 16.54 -11.59 35.04
CA ASP C 7 16.29 -12.30 33.76
C ASP C 7 15.71 -11.34 32.70
N LYS C 8 16.62 -10.84 31.86
CA LYS C 8 16.30 -9.90 30.78
C LYS C 8 16.73 -10.41 29.41
N THR C 9 17.42 -11.55 29.39
CA THR C 9 17.87 -12.20 28.17
C THR C 9 17.49 -13.67 28.35
N PHE C 10 16.87 -14.26 27.33
CA PHE C 10 16.42 -15.64 27.40
C PHE C 10 16.92 -16.47 26.23
N PRO C 11 17.17 -17.77 26.47
CA PRO C 11 17.63 -18.65 25.40
C PRO C 11 16.55 -19.02 24.39
N ILE C 12 16.95 -19.15 23.13
CA ILE C 12 16.03 -19.53 22.07
C ILE C 12 16.26 -21.00 21.77
N MET C 13 15.34 -21.83 22.24
CA MET C 13 15.41 -23.28 22.07
C MET C 13 15.01 -23.81 20.70
N LEU C 14 15.78 -24.77 20.22
CA LEU C 14 15.53 -25.41 18.94
C LEU C 14 16.04 -26.85 19.01
N GLU C 15 15.12 -27.80 18.87
CA GLU C 15 15.44 -29.22 18.94
C GLU C 15 16.08 -29.60 20.28
N GLY C 16 15.86 -28.77 21.29
CA GLY C 16 16.43 -29.04 22.60
C GLY C 16 17.68 -28.25 22.92
N LYS C 17 18.30 -27.68 21.89
CA LYS C 17 19.51 -26.89 22.06
C LYS C 17 19.24 -25.38 22.06
N ILE C 18 20.23 -24.61 22.49
CA ILE C 18 20.10 -23.15 22.51
C ILE C 18 20.69 -22.61 21.22
N ASN C 19 19.82 -22.26 20.29
CA ASN C 19 20.26 -21.74 18.99
C ASN C 19 20.64 -20.28 19.07
N GLY C 20 20.32 -19.63 20.18
CA GLY C 20 20.64 -18.23 20.35
C GLY C 20 19.93 -17.60 21.54
N TYR C 21 19.84 -16.28 21.55
CA TYR C 21 19.20 -15.57 22.66
C TYR C 21 18.29 -14.41 22.28
N ALA C 22 17.37 -14.09 23.19
CA ALA C 22 16.45 -12.98 23.01
C ALA C 22 16.58 -12.11 24.25
N CYS C 23 16.31 -10.82 24.12
CA CYS C 23 16.42 -9.91 25.27
C CYS C 23 15.44 -8.74 25.15
N VAL C 24 15.04 -8.21 26.30
CA VAL C 24 14.12 -7.09 26.32
C VAL C 24 14.89 -5.82 26.64
N VAL C 25 14.89 -4.91 25.68
CA VAL C 25 15.59 -3.64 25.80
C VAL C 25 14.68 -2.48 25.41
N GLY C 26 14.55 -1.50 26.29
CA GLY C 26 13.70 -0.36 26.01
C GLY C 26 12.29 -0.72 25.61
N GLY C 27 11.56 -1.37 26.52
CA GLY C 27 10.19 -1.75 26.22
C GLY C 27 9.99 -2.61 24.97
N LYS C 28 11.09 -3.10 24.42
CA LYS C 28 11.01 -3.95 23.22
C LYS C 28 11.72 -5.28 23.41
N LEU C 29 11.17 -6.29 22.76
CA LEU C 29 11.69 -7.64 22.74
C LEU C 29 12.53 -7.77 21.51
N PHE C 30 13.72 -8.33 21.61
CA PHE C 30 14.56 -8.53 20.44
C PHE C 30 14.95 -9.98 20.30
N ARG C 31 15.14 -10.39 19.05
CA ARG C 31 15.49 -11.76 18.72
C ARG C 31 16.13 -11.76 17.33
N PRO C 32 17.31 -12.37 17.19
CA PRO C 32 17.97 -12.39 15.87
C PRO C 32 17.04 -13.01 14.83
N MET C 33 16.96 -12.42 13.64
CA MET C 33 16.08 -12.94 12.61
C MET C 33 16.56 -14.27 12.03
N HIS C 34 17.86 -14.47 11.94
CA HIS C 34 18.39 -15.72 11.39
C HIS C 34 18.38 -16.86 12.40
N VAL C 35 17.88 -16.59 13.61
CA VAL C 35 17.82 -17.64 14.63
C VAL C 35 16.41 -18.18 14.76
N GLU C 36 16.28 -19.50 14.63
CA GLU C 36 14.98 -20.16 14.72
C GLU C 36 14.85 -20.86 16.07
N GLY C 37 13.61 -21.07 16.51
CA GLY C 37 13.36 -21.72 17.78
C GLY C 37 12.34 -20.92 18.58
N LYS C 38 11.99 -21.41 19.77
CA LYS C 38 11.01 -20.71 20.62
C LYS C 38 11.65 -20.10 21.87
N ILE C 39 11.37 -18.83 22.14
CA ILE C 39 11.92 -18.17 23.32
C ILE C 39 11.56 -18.95 24.60
N ASP C 40 12.53 -19.11 25.49
CA ASP C 40 12.33 -19.85 26.72
C ASP C 40 11.52 -19.04 27.74
N ASN C 41 10.34 -18.58 27.34
CA ASN C 41 9.46 -17.81 28.23
C ASN C 41 8.11 -17.58 27.56
N ASP C 42 7.09 -18.29 28.02
CA ASP C 42 5.76 -18.19 27.47
C ASP C 42 5.28 -16.76 27.20
N VAL C 43 5.58 -15.85 28.12
CA VAL C 43 5.18 -14.46 27.96
C VAL C 43 5.77 -13.81 26.72
N LEU C 44 7.08 -13.93 26.54
CA LEU C 44 7.74 -13.34 25.39
C LEU C 44 7.48 -14.19 24.16
N ALA C 45 7.50 -15.51 24.35
CA ALA C 45 7.27 -16.47 23.28
C ALA C 45 5.88 -16.29 22.65
N ALA C 46 4.97 -15.70 23.41
CA ALA C 46 3.59 -15.48 22.97
C ALA C 46 3.36 -14.20 22.19
N LEU C 47 4.28 -13.25 22.31
CA LEU C 47 4.15 -11.98 21.60
C LEU C 47 4.41 -12.12 20.10
N LYS C 48 3.65 -11.38 19.30
CA LYS C 48 3.79 -11.40 17.86
C LYS C 48 4.86 -10.38 17.48
N THR C 49 5.84 -10.82 16.69
CA THR C 49 6.92 -9.93 16.29
C THR C 49 6.76 -9.37 14.89
N LYS C 50 7.48 -8.29 14.63
CA LYS C 50 7.50 -7.65 13.33
C LYS C 50 8.92 -7.90 12.87
N LYS C 51 9.14 -7.96 11.57
CA LYS C 51 10.47 -8.19 11.04
C LYS C 51 11.18 -6.86 10.79
N ALA C 52 12.48 -6.86 11.05
CA ALA C 52 13.32 -5.69 10.83
C ALA C 52 14.54 -6.18 10.05
N SER C 53 14.27 -6.78 8.90
CA SER C 53 15.28 -7.36 8.00
C SER C 53 16.58 -6.60 7.79
N LYS C 54 16.51 -5.27 7.67
CA LYS C 54 17.72 -4.48 7.48
C LYS C 54 18.68 -4.65 8.66
N TYR C 55 18.13 -4.97 9.83
CA TYR C 55 18.92 -5.15 11.04
C TYR C 55 19.05 -6.64 11.44
N ASP C 56 18.53 -7.55 10.63
CA ASP C 56 18.55 -8.98 10.95
C ASP C 56 17.93 -9.19 12.32
N LEU C 57 16.80 -8.54 12.54
CA LEU C 57 16.09 -8.65 13.82
C LEU C 57 14.60 -8.83 13.66
N GLU C 58 13.97 -9.28 14.73
CA GLU C 58 12.52 -9.44 14.81
C GLU C 58 12.22 -8.89 16.20
N TYR C 59 11.24 -7.99 16.30
CA TYR C 59 10.90 -7.40 17.58
C TYR C 59 9.41 -7.24 17.78
N ALA C 60 9.05 -6.88 19.01
CA ALA C 60 7.66 -6.65 19.40
C ALA C 60 7.67 -5.71 20.60
N ASP C 61 6.65 -4.87 20.70
CA ASP C 61 6.56 -3.95 21.83
C ASP C 61 6.09 -4.79 23.03
N VAL C 62 6.90 -4.84 24.09
CA VAL C 62 6.51 -5.61 25.27
C VAL C 62 5.33 -4.90 25.93
N PRO C 63 4.57 -5.62 26.76
CA PRO C 63 3.43 -4.94 27.39
C PRO C 63 3.86 -3.75 28.24
N GLN C 64 2.88 -3.04 28.76
CA GLN C 64 3.18 -1.89 29.59
C GLN C 64 3.66 -2.33 30.97
N ASN C 65 2.99 -3.34 31.54
CA ASN C 65 3.36 -3.87 32.86
C ASN C 65 4.66 -4.66 32.77
N MET C 66 5.64 -4.08 32.07
CA MET C 66 6.93 -4.72 31.90
C MET C 66 8.00 -3.77 31.38
N ARG C 67 7.56 -2.67 30.77
CA ARG C 67 8.47 -1.69 30.21
C ARG C 67 9.55 -1.23 31.19
N ALA C 68 9.22 -1.19 32.49
CA ALA C 68 10.19 -0.76 33.50
C ALA C 68 11.14 -1.87 33.94
N ASP C 69 10.75 -3.13 33.74
CA ASP C 69 11.59 -4.26 34.14
C ASP C 69 12.46 -4.81 33.00
N THR C 70 12.76 -3.99 32.00
CA THR C 70 13.59 -4.43 30.88
C THR C 70 14.89 -3.65 30.86
N PHE C 71 15.86 -4.14 30.11
CA PHE C 71 17.15 -3.48 30.01
C PHE C 71 17.01 -2.02 29.59
N LYS C 72 17.92 -1.19 30.05
CA LYS C 72 17.93 0.22 29.66
C LYS C 72 19.15 0.29 28.73
N TYR C 73 19.01 0.94 27.59
CA TYR C 73 20.11 1.03 26.64
C TYR C 73 20.62 2.47 26.48
N THR C 74 21.75 2.61 25.78
CA THR C 74 22.37 3.91 25.55
C THR C 74 23.20 3.92 24.26
N HIS C 75 23.39 5.11 23.70
CA HIS C 75 24.18 5.26 22.48
C HIS C 75 25.63 5.51 22.85
N GLU C 76 25.83 5.90 24.10
CA GLU C 76 27.16 6.20 24.64
C GLU C 76 28.11 5.01 24.56
N LYS C 77 29.05 5.08 23.63
CA LYS C 77 30.03 4.02 23.45
C LYS C 77 31.47 4.57 23.49
N PRO C 78 31.86 5.15 24.63
CA PRO C 78 33.22 5.69 24.74
C PRO C 78 34.29 4.59 24.72
N GLN C 79 35.34 4.79 23.94
CA GLN C 79 36.41 3.80 23.84
C GLN C 79 36.72 3.24 25.21
N GLY C 80 36.72 1.92 25.31
CA GLY C 80 37.00 1.30 26.58
C GLY C 80 36.51 -0.12 26.71
N TYR C 81 36.36 -0.56 27.95
CA TYR C 81 35.92 -1.91 28.23
C TYR C 81 34.40 -2.02 28.44
N TYR C 82 33.89 -3.19 28.11
CA TYR C 82 32.48 -3.50 28.25
C TYR C 82 32.39 -4.95 28.65
N SER C 83 31.18 -5.46 28.77
CA SER C 83 31.04 -6.84 29.18
C SER C 83 29.86 -7.56 28.54
N TRP C 84 29.90 -8.88 28.66
CA TRP C 84 28.85 -9.74 28.17
C TRP C 84 29.06 -11.09 28.82
N HIS C 85 28.14 -12.02 28.61
CA HIS C 85 28.21 -13.33 29.22
C HIS C 85 29.54 -14.09 29.13
N HIS C 86 30.39 -13.76 28.17
CA HIS C 86 31.67 -14.48 28.05
C HIS C 86 32.87 -13.72 28.58
N GLY C 87 32.65 -12.53 29.12
CA GLY C 87 33.74 -11.75 29.66
C GLY C 87 33.92 -10.34 29.15
N ALA C 88 35.17 -9.96 28.94
CA ALA C 88 35.51 -8.62 28.47
C ALA C 88 35.27 -8.38 26.99
N VAL C 89 34.85 -7.16 26.66
CA VAL C 89 34.58 -6.75 25.29
C VAL C 89 35.18 -5.36 25.16
N GLN C 90 35.83 -5.09 24.03
CA GLN C 90 36.45 -3.80 23.83
C GLN C 90 35.82 -3.03 22.69
N TYR C 91 35.54 -1.76 22.93
CA TYR C 91 34.97 -0.92 21.89
C TYR C 91 36.03 0.11 21.46
N GLU C 92 36.34 0.11 20.18
CA GLU C 92 37.33 1.03 19.64
C GLU C 92 37.15 1.12 18.12
N ASN C 93 37.04 2.33 17.60
CA ASN C 93 36.87 2.54 16.16
C ASN C 93 35.50 2.08 15.65
N GLY C 94 34.45 2.29 16.45
CA GLY C 94 33.12 1.86 16.04
C GLY C 94 33.01 0.35 15.87
N ARG C 95 33.87 -0.39 16.58
CA ARG C 95 33.85 -1.84 16.50
C ARG C 95 33.98 -2.50 17.86
N PHE C 96 33.21 -3.55 18.07
CA PHE C 96 33.27 -4.31 19.31
C PHE C 96 34.12 -5.53 19.01
N THR C 97 35.00 -5.89 19.94
CA THR C 97 35.86 -7.06 19.77
C THR C 97 35.93 -7.89 21.03
N VAL C 98 36.21 -9.17 20.86
CA VAL C 98 36.34 -10.10 21.97
C VAL C 98 37.65 -10.86 21.74
N PRO C 99 38.19 -11.50 22.78
CA PRO C 99 39.45 -12.25 22.62
C PRO C 99 39.21 -13.42 21.66
N LYS C 100 40.28 -13.90 21.04
CA LYS C 100 40.16 -15.02 20.11
C LYS C 100 39.72 -16.28 20.87
N GLY C 101 38.95 -17.12 20.17
CA GLY C 101 38.50 -18.36 20.78
C GLY C 101 37.26 -18.19 21.63
N VAL C 102 36.73 -16.97 21.64
CA VAL C 102 35.55 -16.65 22.42
C VAL C 102 34.39 -16.24 21.50
N GLY C 103 33.20 -16.75 21.79
CA GLY C 103 32.03 -16.43 20.99
C GLY C 103 31.86 -17.37 19.81
N ALA C 104 30.63 -17.85 19.61
CA ALA C 104 30.32 -18.75 18.51
C ALA C 104 28.82 -19.01 18.41
N LYS C 105 28.43 -19.94 17.55
CA LYS C 105 27.04 -20.29 17.35
C LYS C 105 26.31 -20.42 18.70
N GLY C 106 25.22 -19.68 18.84
CA GLY C 106 24.46 -19.72 20.08
C GLY C 106 24.57 -18.42 20.86
N ASP C 107 25.44 -17.52 20.41
CA ASP C 107 25.60 -16.25 21.08
C ASP C 107 24.78 -15.11 20.49
N SER C 108 24.24 -15.32 19.27
CA SER C 108 23.44 -14.30 18.63
C SER C 108 22.27 -13.91 19.52
N GLY C 109 22.19 -12.64 19.89
CA GLY C 109 21.09 -12.20 20.75
C GLY C 109 21.59 -11.70 22.08
N ARG C 110 22.78 -12.15 22.46
CA ARG C 110 23.39 -11.72 23.73
C ARG C 110 23.68 -10.23 23.71
N PRO C 111 23.40 -9.54 24.82
CA PRO C 111 23.67 -8.11 24.83
C PRO C 111 25.06 -7.78 25.41
N ILE C 112 25.54 -6.59 25.10
CA ILE C 112 26.81 -6.11 25.62
C ILE C 112 26.41 -4.93 26.49
N LEU C 113 26.97 -4.86 27.70
CA LEU C 113 26.60 -3.81 28.63
C LEU C 113 27.79 -2.95 29.06
N ASP C 114 27.50 -1.74 29.50
CA ASP C 114 28.55 -0.84 29.96
C ASP C 114 28.71 -1.04 31.48
N ASN C 115 29.62 -0.30 32.08
CA ASN C 115 29.88 -0.39 33.52
C ASN C 115 28.63 -0.16 34.38
N GLN C 116 27.60 0.44 33.80
CA GLN C 116 26.35 0.72 34.51
C GLN C 116 25.26 -0.33 34.24
N GLY C 117 25.61 -1.39 33.52
CA GLY C 117 24.65 -2.44 33.23
C GLY C 117 23.62 -2.07 32.18
N ARG C 118 23.99 -1.15 31.30
CA ARG C 118 23.10 -0.68 30.24
C ARG C 118 23.52 -1.36 28.93
N VAL C 119 22.53 -1.77 28.13
CA VAL C 119 22.82 -2.41 26.86
C VAL C 119 23.36 -1.35 25.90
N VAL C 120 24.42 -1.70 25.16
CA VAL C 120 25.02 -0.77 24.21
C VAL C 120 25.02 -1.40 22.82
N ALA C 121 24.70 -2.70 22.77
CA ALA C 121 24.67 -3.45 21.52
C ALA C 121 24.18 -4.88 21.71
N ILE C 122 23.64 -5.45 20.64
CA ILE C 122 23.19 -6.83 20.65
C ILE C 122 24.04 -7.57 19.63
N VAL C 123 24.59 -8.71 20.03
CA VAL C 123 25.46 -9.49 19.15
C VAL C 123 24.71 -10.27 18.05
N LEU C 124 25.20 -10.17 16.82
CA LEU C 124 24.59 -10.86 15.68
C LEU C 124 25.55 -11.92 15.11
N GLY C 125 26.85 -11.66 15.24
CA GLY C 125 27.83 -12.60 14.74
C GLY C 125 29.23 -12.11 14.99
N GLY C 126 30.21 -12.77 14.37
CA GLY C 126 31.59 -12.36 14.56
C GLY C 126 32.56 -13.04 13.62
N VAL C 127 33.72 -12.44 13.43
CA VAL C 127 34.74 -13.00 12.55
C VAL C 127 36.12 -12.78 13.18
N ASN C 128 36.86 -13.87 13.35
CA ASN C 128 38.19 -13.81 13.94
C ASN C 128 39.16 -13.04 13.04
N GLU C 129 39.99 -12.19 13.66
CA GLU C 129 40.96 -11.38 12.93
C GLU C 129 42.30 -11.40 13.64
N GLY C 130 42.83 -12.60 13.88
CA GLY C 130 44.09 -12.70 14.59
C GLY C 130 43.81 -13.01 16.05
N SER C 131 44.36 -12.20 16.96
CA SER C 131 44.16 -12.41 18.39
C SER C 131 42.82 -11.88 18.89
N ARG C 132 42.17 -11.07 18.07
CA ARG C 132 40.87 -10.49 18.43
C ARG C 132 39.79 -10.94 17.45
N THR C 133 38.55 -11.04 17.93
CA THR C 133 37.43 -11.41 17.08
C THR C 133 36.47 -10.22 17.00
N ALA C 134 36.22 -9.76 15.77
CA ALA C 134 35.33 -8.61 15.54
C ALA C 134 33.88 -9.06 15.50
N LEU C 135 33.03 -8.31 16.21
CA LEU C 135 31.61 -8.63 16.29
C LEU C 135 30.70 -7.81 15.41
N SER C 136 29.70 -8.48 14.87
CA SER C 136 28.67 -7.83 14.07
C SER C 136 27.56 -7.52 15.10
N VAL C 137 27.14 -6.26 15.18
CA VAL C 137 26.10 -5.93 16.15
C VAL C 137 25.05 -4.97 15.65
N VAL C 138 24.09 -4.72 16.53
CA VAL C 138 23.03 -3.77 16.32
C VAL C 138 23.20 -2.84 17.51
N MET C 139 23.28 -1.54 17.26
CA MET C 139 23.47 -0.57 18.34
C MET C 139 22.71 0.73 18.04
N TRP C 140 23.05 1.80 18.75
CA TRP C 140 22.38 3.08 18.55
C TRP C 140 23.32 4.28 18.59
N ASN C 141 22.97 5.33 17.87
CA ASN C 141 23.78 6.56 17.84
C ASN C 141 23.14 7.66 18.70
N GLU C 142 23.77 8.83 18.74
CA GLU C 142 23.24 9.95 19.51
C GLU C 142 22.03 10.56 18.77
N LYS C 143 20.94 9.81 18.74
CA LYS C 143 19.71 10.24 18.08
C LYS C 143 18.67 9.14 18.19
N GLY C 144 18.99 8.11 18.96
CA GLY C 144 18.09 6.98 19.16
C GLY C 144 17.94 6.10 17.93
N VAL C 145 18.74 6.36 16.91
CA VAL C 145 18.69 5.60 15.66
C VAL C 145 19.39 4.23 15.73
N THR C 146 18.64 3.18 15.45
CA THR C 146 19.18 1.82 15.47
C THR C 146 20.13 1.62 14.31
N VAL C 147 21.33 1.09 14.61
CA VAL C 147 22.36 0.86 13.59
C VAL C 147 22.86 -0.57 13.59
N LYS C 148 23.27 -1.03 12.42
CA LYS C 148 23.80 -2.38 12.29
C LYS C 148 25.21 -2.32 11.69
N TYR C 149 26.17 -2.88 12.41
CA TYR C 149 27.56 -2.92 11.96
C TYR C 149 27.95 -4.39 11.75
N THR C 150 28.54 -4.69 10.58
CA THR C 150 28.93 -6.06 10.28
C THR C 150 30.30 -6.15 9.63
N PRO C 151 31.29 -6.73 10.34
CA PRO C 151 32.64 -6.86 9.81
C PRO C 151 32.64 -7.72 8.54
N GLU C 152 33.69 -7.59 7.73
CA GLU C 152 33.82 -8.37 6.51
C GLU C 152 33.90 -9.84 6.89
N ASN C 153 33.40 -10.72 6.02
CA ASN C 153 33.40 -12.16 6.26
C ASN C 153 32.90 -12.53 7.64
N CYS C 154 31.85 -11.84 8.08
CA CYS C 154 31.29 -12.10 9.39
C CYS C 154 30.31 -13.27 9.37
N GLU C 155 30.61 -14.30 10.16
CA GLU C 155 29.75 -15.48 10.24
C GLU C 155 28.68 -15.29 11.31
N GLN C 156 27.43 -15.58 10.95
CA GLN C 156 26.30 -15.44 11.88
C GLN C 156 26.36 -16.48 12.99
N TRP C 157 25.96 -16.09 14.19
CA TRP C 157 25.97 -17.01 15.33
C TRP C 157 24.57 -17.38 15.81
#